data_5K0F
#
_entry.id   5K0F
#
_cell.length_a   62.895
_cell.length_b   70.096
_cell.length_c   67.621
_cell.angle_alpha   90.000
_cell.angle_beta   106.920
_cell.angle_gamma   90.000
#
_symmetry.space_group_name_H-M   'P 1 21 1'
#
loop_
_entity.id
_entity.type
_entity.pdbx_description
1 polymer 'Catechol O-methyltransferase'
2 non-polymer '2-[N-CYCLOHEXYLAMINO]ETHANE SULFONIC ACID'
3 non-polymer 5-{3-[(1R)-1-(4-methoxyphenyl)ethyl]-1H-pyrazol-5-yl}-2,4-dimethyl-1,3-thiazole
4 non-polymer 'SODIUM ION'
5 water water
#
_entity_poly.entity_id   1
_entity_poly.type   'polypeptide(L)'
_entity_poly.pdbx_seq_one_letter_code
;GDTKEQRILRYVQQNAKPGDPQSVLEAIDTYCTQKEWAMNVGDAKGQIMDAVIREYSPSLVLELGAYCGYSAVRMARLLQ
PGARLLTMEINPDCAAITQQMLNFAGLQDKVTILNGASQDLIPQLKKKYDVDTLDMVFLDHWKDRYLPDTLLLEECGLLR
KGTVLLADNVIVPGTPDFLAYVRGSSSFECTHYSSYLEYMKVVDGLEKAIYQGPSSPDK
;
_entity_poly.pdbx_strand_id   A,B
#
loop_
_chem_comp.id
_chem_comp.type
_chem_comp.name
_chem_comp.formula
6P1 non-polymer 5-{3-[(1R)-1-(4-methoxyphenyl)ethyl]-1H-pyrazol-5-yl}-2,4-dimethyl-1,3-thiazole 'C17 H19 N3 O S'
NA non-polymer 'SODIUM ION' 'Na 1'
NHE non-polymer '2-[N-CYCLOHEXYLAMINO]ETHANE SULFONIC ACID' 'C8 H17 N O3 S'
#
# COMPACT_ATOMS: atom_id res chain seq x y z
N GLY A 1 -8.44 -14.39 -10.13
CA GLY A 1 -9.72 -14.51 -9.45
C GLY A 1 -10.18 -13.21 -8.81
N ASP A 2 -10.83 -13.33 -7.66
CA ASP A 2 -11.47 -12.18 -7.02
C ASP A 2 -10.48 -11.32 -6.25
N THR A 3 -10.69 -10.01 -6.29
CA THR A 3 -9.88 -9.06 -5.52
C THR A 3 -10.79 -8.17 -4.71
N LYS A 4 -10.24 -7.53 -3.67
CA LYS A 4 -11.00 -6.61 -2.86
C LYS A 4 -11.58 -5.47 -3.72
N GLU A 5 -10.80 -4.99 -4.67
CA GLU A 5 -11.27 -3.87 -5.50
C GLU A 5 -12.43 -4.30 -6.40
N GLN A 6 -12.36 -5.51 -6.95
CA GLN A 6 -13.49 -6.05 -7.71
C GLN A 6 -14.73 -6.15 -6.81
N ARG A 7 -14.52 -6.53 -5.55
CA ARG A 7 -15.63 -6.69 -4.62
C ARG A 7 -16.30 -5.36 -4.28
N ILE A 8 -15.49 -4.32 -4.08
CA ILE A 8 -16.04 -2.99 -3.86
C ILE A 8 -16.92 -2.57 -5.03
N LEU A 9 -16.39 -2.74 -6.25
CA LEU A 9 -17.14 -2.39 -7.45
C LEU A 9 -18.46 -3.17 -7.53
N ARG A 10 -18.43 -4.49 -7.30
CA ARG A 10 -19.65 -5.29 -7.37
C ARG A 10 -20.67 -4.85 -6.34
N TYR A 11 -20.21 -4.55 -5.13
CA TYR A 11 -21.09 -4.08 -4.08
C TYR A 11 -21.82 -2.80 -4.49
N VAL A 12 -21.07 -1.87 -5.08
CA VAL A 12 -21.67 -0.64 -5.60
C VAL A 12 -22.69 -0.93 -6.70
N GLN A 13 -22.33 -1.79 -7.64
CA GLN A 13 -23.21 -2.06 -8.79
C GLN A 13 -24.50 -2.73 -8.34
N GLN A 14 -24.41 -3.45 -7.24
CA GLN A 14 -25.58 -4.14 -6.73
C GLN A 14 -26.49 -3.22 -5.92
N ASN A 15 -25.89 -2.35 -5.11
CA ASN A 15 -26.63 -1.62 -4.08
C ASN A 15 -26.85 -0.12 -4.33
N ALA A 16 -26.02 0.48 -5.17
CA ALA A 16 -26.21 1.89 -5.51
C ALA A 16 -27.13 1.98 -6.72
N LYS A 17 -27.38 3.20 -7.17
CA LYS A 17 -28.22 3.44 -8.33
C LYS A 17 -27.43 4.12 -9.43
N PRO A 18 -27.49 3.58 -10.66
CA PRO A 18 -26.76 4.18 -11.79
C PRO A 18 -27.12 5.64 -11.99
N GLY A 19 -26.12 6.48 -12.22
CA GLY A 19 -26.32 7.90 -12.48
C GLY A 19 -26.50 8.71 -11.21
N ASP A 20 -26.34 8.05 -10.06
CA ASP A 20 -26.53 8.70 -8.76
C ASP A 20 -25.24 8.65 -7.94
N PRO A 21 -24.36 9.65 -8.13
CA PRO A 21 -23.05 9.62 -7.46
C PRO A 21 -23.14 9.53 -5.93
N GLN A 22 -24.13 10.18 -5.33
CA GLN A 22 -24.27 10.14 -3.88
C GLN A 22 -24.49 8.71 -3.40
N SER A 23 -25.29 7.94 -4.11
CA SER A 23 -25.57 6.56 -3.69
C SER A 23 -24.29 5.71 -3.83
N VAL A 24 -23.46 6.05 -4.82
CA VAL A 24 -22.21 5.32 -5.04
C VAL A 24 -21.26 5.58 -3.86
N LEU A 25 -21.15 6.84 -3.45
CA LEU A 25 -20.32 7.17 -2.30
C LEU A 25 -20.79 6.44 -1.05
N GLU A 26 -22.09 6.41 -0.85
CA GLU A 26 -22.62 5.78 0.36
C GLU A 26 -22.42 4.26 0.37
N ALA A 27 -22.49 3.63 -0.79
CA ALA A 27 -22.26 2.19 -0.89
C ALA A 27 -20.80 1.85 -0.57
N ILE A 28 -19.88 2.63 -1.14
CA ILE A 28 -18.46 2.40 -0.88
C ILE A 28 -18.12 2.60 0.61
N ASP A 29 -18.62 3.67 1.21
CA ASP A 29 -18.38 3.93 2.62
C ASP A 29 -19.01 2.85 3.50
N THR A 30 -20.19 2.40 3.11
CA THR A 30 -20.81 1.29 3.82
C THR A 30 -19.97 0.02 3.71
N TYR A 31 -19.47 -0.25 2.51
CA TYR A 31 -18.69 -1.46 2.30
C TYR A 31 -17.42 -1.42 3.13
N CYS A 32 -16.73 -0.29 3.09
CA CYS A 32 -15.42 -0.20 3.72
C CYS A 32 -15.50 -0.12 5.23
N THR A 33 -16.65 0.27 5.77
CA THR A 33 -16.78 0.35 7.23
C THR A 33 -17.55 -0.84 7.81
N GLN A 34 -18.27 -1.59 6.97
CA GLN A 34 -19.06 -2.72 7.49
C GLN A 34 -18.61 -4.08 6.99
N LYS A 35 -18.10 -4.15 5.75
CA LYS A 35 -17.83 -5.45 5.17
C LYS A 35 -16.35 -5.79 5.07
N GLU A 36 -15.55 -4.85 4.59
CA GLU A 36 -14.15 -5.13 4.34
C GLU A 36 -13.35 -3.82 4.31
N TRP A 37 -12.32 -3.72 5.14
CA TRP A 37 -11.51 -2.50 5.17
C TRP A 37 -10.89 -2.27 3.80
N ALA A 38 -10.79 -1.01 3.41
CA ALA A 38 -10.06 -0.65 2.20
C ALA A 38 -9.50 0.76 2.33
N MET A 39 -8.39 1.03 1.64
CA MET A 39 -7.90 2.39 1.52
C MET A 39 -9.05 3.24 1.00
N ASN A 40 -9.54 4.13 1.86
CA ASN A 40 -10.66 4.98 1.48
C ASN A 40 -10.63 6.29 2.22
N VAL A 41 -10.75 7.38 1.49
CA VAL A 41 -10.79 8.70 2.09
C VAL A 41 -11.89 8.75 3.18
N GLY A 42 -13.07 8.19 2.87
CA GLY A 42 -14.15 8.13 3.85
C GLY A 42 -15.01 9.39 3.90
N ASP A 43 -16.21 9.30 4.46
CA ASP A 43 -17.16 10.41 4.35
C ASP A 43 -16.76 11.65 5.15
N ALA A 44 -16.06 11.47 6.27
CA ALA A 44 -15.69 12.63 7.09
C ALA A 44 -14.72 13.54 6.33
N LYS A 45 -13.64 12.97 5.82
CA LYS A 45 -12.71 13.74 4.99
C LYS A 45 -13.40 14.15 3.70
N GLY A 46 -14.32 13.31 3.24
CA GLY A 46 -15.09 13.60 2.06
C GLY A 46 -15.83 14.93 2.16
N GLN A 47 -16.38 15.23 3.34
CA GLN A 47 -17.12 16.48 3.49
CA GLN A 47 -17.10 16.48 3.57
C GLN A 47 -16.18 17.69 3.45
N ILE A 48 -14.96 17.52 3.93
CA ILE A 48 -13.95 18.56 3.81
C ILE A 48 -13.64 18.80 2.33
N MET A 49 -13.47 17.72 1.57
CA MET A 49 -13.18 17.82 0.14
C MET A 49 -14.31 18.54 -0.59
N ASP A 50 -15.54 18.15 -0.27
CA ASP A 50 -16.73 18.80 -0.82
C ASP A 50 -16.70 20.30 -0.59
N ALA A 51 -16.36 20.70 0.63
CA ALA A 51 -16.38 22.12 0.98
C ALA A 51 -15.31 22.90 0.21
N VAL A 52 -14.15 22.29 0.00
CA VAL A 52 -13.07 22.94 -0.72
C VAL A 52 -13.50 23.14 -2.18
N ILE A 53 -14.06 22.10 -2.78
CA ILE A 53 -14.53 22.16 -4.15
C ILE A 53 -15.62 23.23 -4.31
N ARG A 54 -16.54 23.28 -3.35
CA ARG A 54 -17.60 24.27 -3.43
C ARG A 54 -17.07 25.67 -3.24
N GLU A 55 -16.09 25.84 -2.36
CA GLU A 55 -15.52 27.16 -2.15
C GLU A 55 -14.81 27.67 -3.42
N TYR A 56 -13.97 26.85 -4.04
CA TYR A 56 -13.11 27.34 -5.12
C TYR A 56 -13.66 27.11 -6.53
N SER A 57 -14.72 26.31 -6.61
CA SER A 57 -15.32 25.86 -7.88
C SER A 57 -14.29 25.73 -9.00
N PRO A 58 -13.35 24.79 -8.85
CA PRO A 58 -12.27 24.61 -9.82
C PRO A 58 -12.79 24.13 -11.17
N SER A 59 -12.19 24.62 -12.25
CA SER A 59 -12.57 24.18 -13.60
C SER A 59 -11.70 23.01 -14.08
N LEU A 60 -10.50 22.92 -13.54
CA LEU A 60 -9.59 21.83 -13.88
C LEU A 60 -8.93 21.27 -12.61
N VAL A 61 -9.21 20.00 -12.32
CA VAL A 61 -8.71 19.34 -11.11
C VAL A 61 -7.81 18.17 -11.50
N LEU A 62 -6.68 18.03 -10.83
CA LEU A 62 -5.81 16.87 -10.97
C LEU A 62 -5.84 16.05 -9.68
N GLU A 63 -6.19 14.78 -9.79
CA GLU A 63 -6.12 13.86 -8.65
C GLU A 63 -4.96 12.89 -8.84
N LEU A 64 -4.15 12.70 -7.80
CA LEU A 64 -3.08 11.71 -7.81
C LEU A 64 -3.46 10.54 -6.91
N GLY A 65 -3.68 9.37 -7.53
CA GLY A 65 -3.95 8.14 -6.79
C GLY A 65 -5.45 7.81 -6.73
N ALA A 66 -6.03 7.42 -7.87
CA ALA A 66 -7.48 7.21 -7.95
C ALA A 66 -7.97 5.98 -7.14
N TYR A 67 -7.15 4.93 -7.08
CA TYR A 67 -7.50 3.64 -6.48
C TYR A 67 -8.78 3.06 -7.09
N CYS A 68 -9.88 3.06 -6.35
CA CYS A 68 -11.15 2.53 -6.88
C CYS A 68 -12.12 3.58 -7.39
N GLY A 69 -11.77 4.85 -7.27
CA GLY A 69 -12.56 5.91 -7.85
C GLY A 69 -13.42 6.66 -6.84
N TYR A 70 -13.29 6.37 -5.56
CA TYR A 70 -14.13 7.05 -4.56
C TYR A 70 -13.95 8.57 -4.62
N SER A 71 -12.70 9.02 -4.55
CA SER A 71 -12.43 10.46 -4.56
C SER A 71 -12.78 11.10 -5.90
N ALA A 72 -12.59 10.35 -6.98
CA ALA A 72 -12.94 10.85 -8.30
C ALA A 72 -14.44 11.07 -8.39
N VAL A 73 -15.22 10.14 -7.87
CA VAL A 73 -16.67 10.30 -7.82
C VAL A 73 -17.03 11.49 -6.93
N ARG A 74 -16.41 11.53 -5.76
CA ARG A 74 -16.62 12.62 -4.83
C ARG A 74 -16.43 14.00 -5.45
N MET A 75 -15.31 14.20 -6.15
CA MET A 75 -15.02 15.53 -6.68
C MET A 75 -15.76 15.81 -8.00
N ALA A 76 -15.84 14.82 -8.89
CA ALA A 76 -16.41 15.05 -10.21
C ALA A 76 -17.91 15.36 -10.13
N ARG A 77 -18.57 14.83 -9.10
CA ARG A 77 -20.01 15.04 -8.97
C ARG A 77 -20.32 16.49 -8.64
N LEU A 78 -19.31 17.23 -8.16
CA LEU A 78 -19.51 18.64 -7.78
C LEU A 78 -18.97 19.61 -8.82
N LEU A 79 -18.41 19.08 -9.90
CA LEU A 79 -17.87 19.92 -10.95
C LEU A 79 -18.96 20.49 -11.87
N GLN A 80 -18.75 21.73 -12.31
CA GLN A 80 -19.66 22.41 -13.23
C GLN A 80 -19.54 21.84 -14.63
N PRO A 81 -20.55 22.07 -15.48
CA PRO A 81 -20.41 21.70 -16.88
C PRO A 81 -19.15 22.32 -17.50
N GLY A 82 -18.42 21.53 -18.27
CA GLY A 82 -17.18 22.01 -18.85
C GLY A 82 -15.97 21.93 -17.92
N ALA A 83 -16.20 21.73 -16.63
CA ALA A 83 -15.09 21.47 -15.72
C ALA A 83 -14.60 20.04 -15.94
N ARG A 84 -13.31 19.79 -15.66
CA ARG A 84 -12.68 18.50 -15.95
C ARG A 84 -11.91 18.01 -14.73
N LEU A 85 -12.01 16.71 -14.46
CA LEU A 85 -11.07 16.03 -13.55
C LEU A 85 -10.11 15.15 -14.35
N LEU A 86 -8.81 15.29 -14.08
CA LEU A 86 -7.82 14.35 -14.60
C LEU A 86 -7.37 13.53 -13.42
N THR A 87 -7.46 12.21 -13.52
CA THR A 87 -6.99 11.42 -12.38
C THR A 87 -5.93 10.41 -12.82
N MET A 88 -4.88 10.30 -12.02
CA MET A 88 -3.76 9.42 -12.33
C MET A 88 -3.74 8.21 -11.42
N GLU A 89 -3.52 7.05 -12.02
CA GLU A 89 -3.58 5.79 -11.28
C GLU A 89 -2.48 4.87 -11.80
N ILE A 90 -1.59 4.42 -10.92
CA ILE A 90 -0.42 3.69 -11.39
C ILE A 90 -0.72 2.21 -11.70
N ASN A 91 -1.78 1.66 -11.09
CA ASN A 91 -2.11 0.25 -11.25
C ASN A 91 -3.21 0.06 -12.29
N PRO A 92 -2.93 -0.72 -13.35
CA PRO A 92 -3.88 -0.91 -14.47
C PRO A 92 -5.23 -1.48 -14.03
N ASP A 93 -5.23 -2.46 -13.13
CA ASP A 93 -6.48 -3.06 -12.68
C ASP A 93 -7.32 -2.05 -11.91
N CYS A 94 -6.66 -1.26 -11.06
CA CYS A 94 -7.37 -0.21 -10.34
C CYS A 94 -7.87 0.89 -11.29
N ALA A 95 -7.09 1.22 -12.32
CA ALA A 95 -7.54 2.19 -13.30
C ALA A 95 -8.83 1.70 -13.98
N ALA A 96 -8.88 0.40 -14.27
CA ALA A 96 -10.07 -0.19 -14.88
C ALA A 96 -11.29 -0.14 -13.95
N ILE A 97 -11.09 -0.47 -12.68
CA ILE A 97 -12.14 -0.36 -11.68
C ILE A 97 -12.64 1.09 -11.56
N THR A 98 -11.72 2.03 -11.49
CA THR A 98 -12.09 3.45 -11.41
C THR A 98 -12.93 3.88 -12.61
N GLN A 99 -12.59 3.41 -13.80
CA GLN A 99 -13.38 3.74 -14.97
C GLN A 99 -14.81 3.17 -14.88
N GLN A 100 -14.93 1.93 -14.45
CA GLN A 100 -16.25 1.32 -14.32
C GLN A 100 -17.06 1.99 -13.21
N MET A 101 -16.37 2.41 -12.15
CA MET A 101 -17.03 3.12 -11.05
C MET A 101 -17.63 4.44 -11.53
N LEU A 102 -16.82 5.22 -12.26
CA LEU A 102 -17.27 6.49 -12.82
C LEU A 102 -18.40 6.30 -13.84
N ASN A 103 -18.28 5.27 -14.68
CA ASN A 103 -19.32 4.93 -15.65
CA ASN A 103 -19.32 4.98 -15.66
C ASN A 103 -20.65 4.71 -14.95
N PHE A 104 -20.62 3.88 -13.93
CA PHE A 104 -21.82 3.56 -13.16
C PHE A 104 -22.42 4.83 -12.54
N ALA A 105 -21.55 5.67 -11.98
CA ALA A 105 -21.96 6.93 -11.35
C ALA A 105 -22.52 7.95 -12.35
N GLY A 106 -22.24 7.75 -13.64
CA GLY A 106 -22.68 8.68 -14.67
C GLY A 106 -21.77 9.87 -14.86
N LEU A 107 -20.50 9.72 -14.46
CA LEU A 107 -19.57 10.85 -14.41
C LEU A 107 -18.41 10.68 -15.40
N GLN A 108 -18.49 9.65 -16.23
CA GLN A 108 -17.39 9.30 -17.12
C GLN A 108 -16.99 10.43 -18.09
N ASP A 109 -17.93 11.32 -18.42
CA ASP A 109 -17.64 12.39 -19.38
C ASP A 109 -16.95 13.59 -18.71
N LYS A 110 -16.86 13.56 -17.38
CA LYS A 110 -16.21 14.65 -16.66
C LYS A 110 -14.78 14.28 -16.31
N VAL A 111 -14.41 13.02 -16.49
CA VAL A 111 -13.14 12.52 -15.98
C VAL A 111 -12.27 11.85 -17.05
N THR A 112 -10.99 12.18 -17.03
CA THR A 112 -9.99 11.47 -17.82
C THR A 112 -9.08 10.69 -16.90
N ILE A 113 -9.01 9.38 -17.09
CA ILE A 113 -8.14 8.53 -16.27
C ILE A 113 -6.84 8.26 -17.00
N LEU A 114 -5.73 8.63 -16.37
CA LEU A 114 -4.41 8.38 -16.91
C LEU A 114 -3.73 7.26 -16.13
N ASN A 115 -3.34 6.19 -16.82
CA ASN A 115 -2.75 5.04 -16.15
C ASN A 115 -1.22 5.12 -16.25
N GLY A 116 -0.57 5.43 -15.15
CA GLY A 116 0.88 5.54 -15.14
C GLY A 116 1.37 6.19 -13.87
N ALA A 117 2.68 6.43 -13.78
CA ALA A 117 3.27 7.06 -12.61
C ALA A 117 3.16 8.58 -12.70
N SER A 118 2.85 9.23 -11.58
CA SER A 118 2.73 10.68 -11.53
C SER A 118 3.91 11.41 -12.15
N GLN A 119 5.14 10.98 -11.84
CA GLN A 119 6.29 11.73 -12.32
C GLN A 119 6.49 11.59 -13.83
N ASP A 120 5.90 10.56 -14.43
CA ASP A 120 5.94 10.39 -15.90
C ASP A 120 4.83 11.17 -16.58
N LEU A 121 3.67 11.22 -15.95
CA LEU A 121 2.49 11.78 -16.56
C LEU A 121 2.40 13.30 -16.39
N ILE A 122 2.82 13.81 -15.24
CA ILE A 122 2.68 15.24 -14.94
C ILE A 122 3.37 16.12 -16.02
N PRO A 123 4.58 15.76 -16.48
CA PRO A 123 5.21 16.63 -17.50
C PRO A 123 4.55 16.58 -18.88
N GLN A 124 3.58 15.68 -19.08
CA GLN A 124 2.87 15.57 -20.36
C GLN A 124 1.55 16.33 -20.37
N LEU A 125 1.13 16.85 -19.22
CA LEU A 125 -0.19 17.45 -19.14
C LEU A 125 -0.36 18.62 -20.12
N LYS A 126 0.64 19.49 -20.20
CA LYS A 126 0.50 20.65 -21.08
C LYS A 126 0.40 20.25 -22.55
N LYS A 127 1.27 19.34 -22.99
CA LYS A 127 1.32 18.99 -24.40
C LYS A 127 0.16 18.08 -24.84
N LYS A 128 -0.10 17.05 -24.06
CA LYS A 128 -0.99 15.99 -24.49
C LYS A 128 -2.42 16.14 -24.00
N TYR A 129 -2.62 16.86 -22.90
CA TYR A 129 -3.96 16.95 -22.33
C TYR A 129 -4.47 18.38 -22.27
N ASP A 130 -3.82 19.25 -23.04
CA ASP A 130 -4.25 20.63 -23.25
C ASP A 130 -4.50 21.34 -21.93
N VAL A 131 -3.54 21.22 -21.03
CA VAL A 131 -3.63 21.89 -19.74
C VAL A 131 -2.81 23.17 -19.82
N ASP A 132 -3.38 24.26 -19.32
CA ASP A 132 -2.60 25.48 -19.07
C ASP A 132 -2.11 25.43 -17.63
N THR A 133 -2.97 25.83 -16.70
CA THR A 133 -2.64 25.62 -15.29
C THR A 133 -3.79 24.89 -14.61
N LEU A 134 -3.48 24.24 -13.49
CA LEU A 134 -4.47 23.52 -12.71
C LEU A 134 -5.12 24.43 -11.69
N ASP A 135 -6.42 24.26 -11.47
CA ASP A 135 -7.09 25.00 -10.42
C ASP A 135 -6.99 24.32 -9.04
N MET A 136 -6.88 23.00 -9.05
CA MET A 136 -6.84 22.25 -7.80
C MET A 136 -6.11 20.93 -7.99
N VAL A 137 -5.38 20.49 -6.97
CA VAL A 137 -4.71 19.19 -7.01
C VAL A 137 -5.05 18.43 -5.73
N PHE A 138 -5.53 17.19 -5.89
CA PHE A 138 -5.75 16.32 -4.73
C PHE A 138 -4.65 15.25 -4.66
N LEU A 139 -3.88 15.25 -3.57
CA LEU A 139 -2.79 14.29 -3.44
C LEU A 139 -3.19 13.17 -2.48
N ASP A 140 -3.23 11.94 -3.00
CA ASP A 140 -3.58 10.78 -2.19
C ASP A 140 -2.92 9.51 -2.74
N HIS A 141 -1.72 9.66 -3.28
CA HIS A 141 -1.00 8.52 -3.85
C HIS A 141 0.10 8.11 -2.88
N TRP A 142 1.26 7.68 -3.38
CA TRP A 142 2.33 7.27 -2.46
C TRP A 142 2.84 8.46 -1.68
N LYS A 143 2.95 8.30 -0.36
CA LYS A 143 3.19 9.43 0.52
C LYS A 143 4.57 10.05 0.32
N ASP A 144 5.57 9.23 -0.06
CA ASP A 144 6.93 9.74 -0.28
C ASP A 144 7.03 10.53 -1.59
N ARG A 145 5.92 10.60 -2.31
CA ARG A 145 5.89 11.34 -3.58
C ARG A 145 5.17 12.68 -3.48
N TYR A 146 4.52 12.96 -2.35
CA TYR A 146 3.83 14.26 -2.23
C TYR A 146 4.77 15.45 -2.48
N LEU A 147 5.92 15.44 -1.84
CA LEU A 147 6.86 16.56 -1.98
C LEU A 147 7.49 16.61 -3.37
N PRO A 148 8.10 15.50 -3.84
CA PRO A 148 8.69 15.66 -5.18
C PRO A 148 7.68 15.95 -6.28
N ASP A 149 6.45 15.44 -6.20
CA ASP A 149 5.49 15.74 -7.26
C ASP A 149 4.99 17.19 -7.16
N THR A 150 4.89 17.71 -5.94
CA THR A 150 4.54 19.12 -5.76
C THR A 150 5.62 20.03 -6.38
N LEU A 151 6.87 19.72 -6.09
CA LEU A 151 7.99 20.45 -6.73
C LEU A 151 7.96 20.32 -8.26
N LEU A 152 7.54 19.14 -8.74
CA LEU A 152 7.47 18.91 -10.19
C LEU A 152 6.35 19.72 -10.83
N LEU A 153 5.19 19.75 -10.16
CA LEU A 153 4.07 20.55 -10.65
C LEU A 153 4.49 22.00 -10.77
N GLU A 154 5.22 22.50 -9.77
CA GLU A 154 5.68 23.88 -9.85
C GLU A 154 6.63 24.10 -11.02
N GLU A 155 7.63 23.25 -11.16
CA GLU A 155 8.59 23.55 -12.20
C GLU A 155 7.99 23.33 -13.60
N CYS A 156 6.95 22.51 -13.72
CA CYS A 156 6.33 22.32 -15.03
C CYS A 156 5.37 23.46 -15.39
N GLY A 157 5.18 24.39 -14.46
CA GLY A 157 4.35 25.56 -14.73
C GLY A 157 2.87 25.26 -14.64
N LEU A 158 2.51 24.23 -13.86
CA LEU A 158 1.12 23.79 -13.77
C LEU A 158 0.35 24.46 -12.64
N LEU A 159 1.06 25.15 -11.74
CA LEU A 159 0.43 25.87 -10.64
C LEU A 159 0.34 27.35 -10.97
N ARG A 160 -0.76 28.00 -10.57
CA ARG A 160 -0.84 29.46 -10.65
C ARG A 160 -1.22 30.02 -9.29
N LYS A 161 -1.10 31.33 -9.11
CA LYS A 161 -1.52 31.92 -7.86
C LYS A 161 -3.00 31.60 -7.62
N GLY A 162 -3.29 31.03 -6.46
CA GLY A 162 -4.64 30.60 -6.15
C GLY A 162 -4.94 29.11 -6.38
N THR A 163 -4.04 28.36 -7.00
CA THR A 163 -4.22 26.92 -7.17
C THR A 163 -4.24 26.25 -5.79
N VAL A 164 -5.24 25.43 -5.54
CA VAL A 164 -5.36 24.77 -4.25
C VAL A 164 -4.80 23.36 -4.29
N LEU A 165 -3.81 23.06 -3.45
CA LEU A 165 -3.40 21.67 -3.22
C LEU A 165 -4.08 21.17 -1.96
N LEU A 166 -4.65 19.98 -2.04
CA LEU A 166 -5.27 19.37 -0.87
C LEU A 166 -4.69 17.98 -0.73
N ALA A 167 -4.04 17.71 0.40
CA ALA A 167 -3.30 16.47 0.55
C ALA A 167 -3.82 15.61 1.69
N ASP A 168 -4.10 14.34 1.41
CA ASP A 168 -4.63 13.45 2.45
C ASP A 168 -3.50 12.72 3.20
N ASN A 169 -3.80 12.28 4.43
CA ASN A 169 -2.91 11.42 5.23
C ASN A 169 -1.58 12.09 5.60
N VAL A 170 -1.62 13.40 5.83
CA VAL A 170 -0.39 14.11 6.11
C VAL A 170 0.06 13.87 7.57
N ILE A 171 -0.84 13.33 8.39
CA ILE A 171 -0.47 12.97 9.77
C ILE A 171 -0.23 11.47 9.93
N VAL A 172 -1.16 10.67 9.40
CA VAL A 172 -1.12 9.21 9.49
C VAL A 172 -1.23 8.59 8.10
N PRO A 173 -0.20 7.85 7.66
CA PRO A 173 1.07 7.59 8.36
C PRO A 173 1.97 8.82 8.41
N GLY A 174 1.67 9.83 7.60
CA GLY A 174 2.36 11.11 7.72
C GLY A 174 3.21 11.48 6.53
N THR A 175 3.23 12.77 6.20
CA THR A 175 4.12 13.31 5.17
C THR A 175 4.86 14.53 5.74
N PRO A 176 5.74 14.32 6.71
CA PRO A 176 6.39 15.45 7.37
C PRO A 176 7.29 16.28 6.45
N ASP A 177 7.92 15.66 5.45
CA ASP A 177 8.77 16.42 4.54
C ASP A 177 7.94 17.41 3.71
N PHE A 178 6.80 16.93 3.23
CA PHE A 178 5.88 17.75 2.48
C PHE A 178 5.34 18.90 3.32
N LEU A 179 4.93 18.61 4.56
CA LEU A 179 4.37 19.65 5.42
C LEU A 179 5.42 20.72 5.74
N ALA A 180 6.61 20.27 6.09
CA ALA A 180 7.70 21.20 6.38
C ALA A 180 7.94 22.14 5.21
N TYR A 181 7.93 21.59 4.01
CA TYR A 181 8.20 22.39 2.83
C TYR A 181 7.11 23.43 2.58
N VAL A 182 5.84 22.99 2.46
CA VAL A 182 4.78 23.92 2.10
C VAL A 182 4.47 24.93 3.21
N ARG A 183 4.54 24.50 4.46
CA ARG A 183 4.25 25.41 5.57
C ARG A 183 5.36 26.46 5.66
N GLY A 184 6.59 26.02 5.45
CA GLY A 184 7.74 26.89 5.55
C GLY A 184 7.94 27.82 4.36
N SER A 185 7.51 27.40 3.19
CA SER A 185 7.71 28.19 1.97
C SER A 185 6.72 29.34 1.83
N SER A 186 7.21 30.50 1.41
CA SER A 186 6.33 31.62 1.16
C SER A 186 5.46 31.40 -0.09
N SER A 187 5.78 30.38 -0.88
CA SER A 187 4.99 30.06 -2.05
C SER A 187 3.65 29.35 -1.73
N PHE A 188 3.49 28.93 -0.49
CA PHE A 188 2.25 28.22 -0.11
C PHE A 188 1.62 28.76 1.15
N GLU A 189 0.32 29.06 1.08
CA GLU A 189 -0.43 29.43 2.26
C GLU A 189 -1.21 28.23 2.77
N CYS A 190 -0.85 27.73 3.95
CA CYS A 190 -1.33 26.43 4.42
C CYS A 190 -2.33 26.46 5.57
N THR A 191 -3.29 25.55 5.52
CA THR A 191 -4.21 25.32 6.62
C THR A 191 -4.35 23.81 6.83
N HIS A 192 -4.67 23.40 8.06
CA HIS A 192 -4.76 22.00 8.39
C HIS A 192 -6.16 21.62 8.88
N TYR A 193 -6.68 20.53 8.31
CA TYR A 193 -8.01 20.03 8.65
C TYR A 193 -7.95 18.66 9.31
N SER A 194 -8.09 18.63 10.64
CA SER A 194 -8.00 17.40 11.38
C SER A 194 -9.25 16.56 11.15
N SER A 195 -9.06 15.25 11.11
CA SER A 195 -10.18 14.33 10.98
C SER A 195 -9.80 12.98 11.57
N TYR A 196 -10.73 12.42 12.32
CA TYR A 196 -10.48 11.22 13.08
C TYR A 196 -10.59 9.99 12.17
N LEU A 197 -9.65 9.07 12.28
CA LEU A 197 -9.82 7.73 11.70
C LEU A 197 -10.37 6.83 12.80
N GLU A 198 -11.67 6.61 12.80
CA GLU A 198 -12.31 5.88 13.89
C GLU A 198 -11.85 4.42 13.95
N TYR A 199 -11.74 3.78 12.79
CA TYR A 199 -11.34 2.38 12.72
C TYR A 199 -9.92 2.17 13.26
N MET A 200 -9.16 3.25 13.36
CA MET A 200 -7.79 3.19 13.86
C MET A 200 -7.64 4.01 15.16
N LYS A 201 -8.68 4.78 15.48
CA LYS A 201 -8.72 5.55 16.73
C LYS A 201 -7.52 6.49 16.89
N VAL A 202 -7.13 7.14 15.80
CA VAL A 202 -6.06 8.12 15.80
C VAL A 202 -6.52 9.29 14.93
N VAL A 203 -6.08 10.51 15.26
CA VAL A 203 -6.46 11.65 14.47
C VAL A 203 -5.52 11.74 13.27
N ASP A 204 -6.08 12.05 12.11
CA ASP A 204 -5.30 12.24 10.90
C ASP A 204 -5.61 13.65 10.45
N GLY A 205 -5.27 14.01 9.23
CA GLY A 205 -5.61 15.34 8.75
C GLY A 205 -5.34 15.51 7.28
N LEU A 206 -6.00 16.52 6.69
CA LEU A 206 -5.67 16.97 5.35
C LEU A 206 -4.97 18.32 5.41
N GLU A 207 -3.98 18.52 4.57
CA GLU A 207 -3.39 19.85 4.47
C GLU A 207 -3.90 20.53 3.22
N LYS A 208 -4.29 21.80 3.36
CA LYS A 208 -4.64 22.63 2.21
C LYS A 208 -3.50 23.61 2.03
N ALA A 209 -2.91 23.62 0.84
CA ALA A 209 -1.82 24.54 0.55
C ALA A 209 -2.17 25.34 -0.69
N ILE A 210 -2.33 26.65 -0.52
CA ILE A 210 -2.72 27.49 -1.65
C ILE A 210 -1.49 28.15 -2.26
N TYR A 211 -1.23 27.84 -3.53
CA TYR A 211 -0.05 28.37 -4.21
C TYR A 211 -0.11 29.90 -4.32
N GLN A 212 0.99 30.55 -3.97
CA GLN A 212 1.05 32.02 -3.96
C GLN A 212 1.84 32.59 -5.14
N GLY A 213 2.43 31.70 -5.94
CA GLY A 213 3.37 32.13 -6.96
C GLY A 213 4.78 31.80 -6.51
N PRO A 214 5.74 31.77 -7.45
CA PRO A 214 7.13 31.43 -7.11
C PRO A 214 7.82 32.45 -6.20
N SER A 215 8.87 32.01 -5.52
CA SER A 215 9.70 32.87 -4.68
C SER A 215 10.46 33.93 -5.50
N SER A 216 10.56 35.14 -4.97
CA SER A 216 11.24 36.25 -5.66
C SER A 216 12.75 36.25 -5.40
N PRO A 217 13.57 36.42 -6.47
CA PRO A 217 15.02 36.55 -6.33
C PRO A 217 15.42 37.79 -5.53
N ASP A 218 16.57 37.75 -4.84
CA ASP A 218 17.01 38.87 -4.01
C ASP A 218 17.46 40.08 -4.84
N LYS A 219 17.14 41.27 -4.34
CA LYS A 219 17.45 42.53 -5.00
C LYS A 219 18.70 43.19 -4.42
N GLY B 1 16.06 10.49 -8.58
CA GLY B 1 14.69 10.50 -8.10
C GLY B 1 14.54 9.64 -6.85
N ASP B 2 14.66 10.27 -5.69
CA ASP B 2 14.74 9.58 -4.39
C ASP B 2 13.41 8.98 -3.92
N THR B 3 13.47 7.80 -3.32
CA THR B 3 12.27 7.18 -2.75
C THR B 3 12.52 6.78 -1.31
N LYS B 4 11.44 6.53 -0.57
CA LYS B 4 11.55 6.08 0.81
C LYS B 4 12.36 4.78 0.88
N GLU B 5 12.14 3.89 -0.08
CA GLU B 5 12.83 2.61 -0.06
C GLU B 5 14.32 2.79 -0.29
N GLN B 6 14.69 3.69 -1.20
CA GLN B 6 16.10 3.97 -1.41
C GLN B 6 16.72 4.58 -0.15
N ARG B 7 15.95 5.38 0.57
CA ARG B 7 16.47 6.02 1.79
C ARG B 7 16.70 5.00 2.90
N ILE B 8 15.82 4.01 3.00
CA ILE B 8 16.01 2.93 3.98
C ILE B 8 17.30 2.18 3.68
N LEU B 9 17.51 1.88 2.40
CA LEU B 9 18.70 1.15 1.98
C LEU B 9 19.95 1.97 2.28
N ARG B 10 19.92 3.25 1.91
CA ARG B 10 21.09 4.11 2.15
C ARG B 10 21.41 4.20 3.64
N TYR B 11 20.37 4.32 4.45
CA TYR B 11 20.56 4.43 5.90
C TYR B 11 21.24 3.16 6.44
N VAL B 12 20.79 2.01 5.99
CA VAL B 12 21.40 0.74 6.39
C VAL B 12 22.88 0.69 5.97
N GLN B 13 23.16 1.05 4.72
CA GLN B 13 24.52 0.97 4.18
C GLN B 13 25.47 1.89 4.93
N GLN B 14 24.91 2.99 5.42
CA GLN B 14 25.71 3.94 6.15
C GLN B 14 25.97 3.53 7.60
N ASN B 15 24.95 2.97 8.26
CA ASN B 15 24.98 2.78 9.71
C ASN B 15 25.15 1.34 10.19
N ALA B 16 24.79 0.37 9.35
CA ALA B 16 24.96 -1.03 9.72
C ALA B 16 26.34 -1.51 9.29
N LYS B 17 26.64 -2.77 9.59
CA LYS B 17 27.93 -3.34 9.24
CA LYS B 17 27.93 -3.36 9.26
C LYS B 17 27.75 -4.47 8.23
N PRO B 18 28.53 -4.43 7.14
CA PRO B 18 28.27 -5.47 6.13
C PRO B 18 28.62 -6.88 6.65
N GLY B 19 27.81 -7.85 6.28
CA GLY B 19 27.97 -9.21 6.75
C GLY B 19 27.37 -9.43 8.13
N ASP B 20 26.70 -8.42 8.66
CA ASP B 20 26.14 -8.47 10.02
C ASP B 20 24.62 -8.30 9.98
N PRO B 21 23.88 -9.40 9.82
CA PRO B 21 22.42 -9.29 9.68
C PRO B 21 21.73 -8.60 10.84
N GLN B 22 22.21 -8.80 12.07
CA GLN B 22 21.60 -8.16 13.21
C GLN B 22 21.69 -6.64 13.14
N SER B 23 22.83 -6.11 12.71
CA SER B 23 22.99 -4.65 12.59
C SER B 23 22.05 -4.09 11.52
N VAL B 24 21.82 -4.87 10.47
CA VAL B 24 20.92 -4.47 9.39
C VAL B 24 19.48 -4.34 9.91
N LEU B 25 19.02 -5.35 10.64
CA LEU B 25 17.70 -5.30 11.26
C LEU B 25 17.59 -4.10 12.19
N GLU B 26 18.60 -3.89 13.02
CA GLU B 26 18.57 -2.78 13.96
C GLU B 26 18.50 -1.43 13.25
N ALA B 27 19.26 -1.30 12.16
CA ALA B 27 19.24 -0.05 11.39
C ALA B 27 17.87 0.21 10.75
N ILE B 28 17.24 -0.84 10.23
CA ILE B 28 15.95 -0.63 9.59
C ILE B 28 14.91 -0.24 10.62
N ASP B 29 14.95 -0.91 11.78
CA ASP B 29 13.97 -0.63 12.83
C ASP B 29 14.17 0.76 13.38
N THR B 30 15.42 1.20 13.50
CA THR B 30 15.72 2.54 13.98
C THR B 30 15.21 3.59 12.98
N TYR B 31 15.42 3.32 11.69
CA TYR B 31 14.96 4.23 10.67
C TYR B 31 13.44 4.36 10.68
N CYS B 32 12.75 3.22 10.75
CA CYS B 32 11.29 3.25 10.67
C CYS B 32 10.68 3.85 11.93
N THR B 33 11.38 3.74 13.06
CA THR B 33 10.85 4.25 14.32
C THR B 33 11.25 5.70 14.60
N GLN B 34 12.39 6.15 14.09
CA GLN B 34 12.88 7.47 14.45
C GLN B 34 13.01 8.44 13.29
N LYS B 35 13.15 7.94 12.06
CA LYS B 35 13.41 8.81 10.94
C LYS B 35 12.18 8.99 10.06
N GLU B 36 11.58 7.89 9.65
CA GLU B 36 10.51 7.94 8.65
C GLU B 36 9.71 6.64 8.68
N TRP B 37 8.38 6.72 8.79
CA TRP B 37 7.57 5.52 8.86
C TRP B 37 7.66 4.76 7.55
N ALA B 38 7.69 3.44 7.65
CA ALA B 38 7.57 2.59 6.46
C ALA B 38 6.90 1.30 6.86
N MET B 39 6.31 0.60 5.89
CA MET B 39 5.82 -0.75 6.11
C MET B 39 6.97 -1.59 6.62
N ASN B 40 6.84 -2.11 7.83
CA ASN B 40 7.89 -2.90 8.42
C ASN B 40 7.31 -3.79 9.51
N VAL B 41 7.67 -5.07 9.48
CA VAL B 41 7.20 -6.02 10.48
C VAL B 41 7.64 -5.56 11.89
N GLY B 42 8.88 -5.08 12.02
CA GLY B 42 9.34 -4.55 13.30
C GLY B 42 9.89 -5.62 14.24
N ASP B 43 10.66 -5.19 15.24
CA ASP B 43 11.39 -6.14 16.07
C ASP B 43 10.50 -7.02 16.95
N ALA B 44 9.39 -6.47 17.45
CA ALA B 44 8.50 -7.22 18.33
C ALA B 44 7.91 -8.42 17.61
N LYS B 45 7.32 -8.18 16.46
CA LYS B 45 6.87 -9.27 15.61
C LYS B 45 8.04 -10.11 15.11
N GLY B 46 9.18 -9.46 14.91
CA GLY B 46 10.39 -10.16 14.50
C GLY B 46 10.77 -11.31 15.42
N GLN B 47 10.62 -11.09 16.73
CA GLN B 47 10.93 -12.13 17.71
C GLN B 47 10.00 -13.33 17.59
N ILE B 48 8.76 -13.06 17.21
CA ILE B 48 7.80 -14.15 16.95
C ILE B 48 8.28 -14.97 15.74
N MET B 49 8.71 -14.27 14.69
CA MET B 49 9.26 -14.93 13.50
C MET B 49 10.50 -15.74 13.84
N ASP B 50 11.40 -15.14 14.63
CA ASP B 50 12.60 -15.84 15.08
C ASP B 50 12.26 -17.13 15.83
N ALA B 51 11.30 -17.04 16.74
CA ALA B 51 10.89 -18.18 17.55
C ALA B 51 10.33 -19.30 16.68
N VAL B 52 9.53 -18.94 15.69
CA VAL B 52 8.98 -19.95 14.79
C VAL B 52 10.10 -20.63 14.00
N ILE B 53 11.02 -19.85 13.44
CA ILE B 53 12.13 -20.41 12.68
C ILE B 53 12.97 -21.35 13.54
N ARG B 54 13.23 -20.95 14.78
CA ARG B 54 14.06 -21.75 15.66
C ARG B 54 13.36 -23.03 16.10
N GLU B 55 12.05 -22.96 16.29
CA GLU B 55 11.31 -24.15 16.72
C GLU B 55 11.22 -25.20 15.62
N TYR B 56 10.99 -24.78 14.38
CA TYR B 56 10.73 -25.75 13.31
C TYR B 56 11.88 -26.00 12.35
N SER B 57 12.95 -25.22 12.48
CA SER B 57 14.13 -25.34 11.61
C SER B 57 13.78 -25.67 10.17
N PRO B 58 13.03 -24.78 9.50
CA PRO B 58 12.61 -25.08 8.12
C PRO B 58 13.79 -25.09 7.14
N SER B 59 13.82 -26.05 6.23
CA SER B 59 14.89 -26.11 5.22
C SER B 59 14.52 -25.31 3.95
N LEU B 60 13.23 -25.13 3.73
CA LEU B 60 12.76 -24.35 2.59
C LEU B 60 11.63 -23.43 3.03
N VAL B 61 11.85 -22.12 2.88
CA VAL B 61 10.88 -21.11 3.28
C VAL B 61 10.44 -20.30 2.08
N LEU B 62 9.14 -20.03 1.99
CA LEU B 62 8.60 -19.13 0.99
C LEU B 62 8.11 -17.88 1.70
N GLU B 63 8.60 -16.73 1.26
CA GLU B 63 8.11 -15.44 1.75
C GLU B 63 7.28 -14.76 0.66
N LEU B 64 6.08 -14.30 1.00
CA LEU B 64 5.28 -13.49 0.07
C LEU B 64 5.28 -12.02 0.52
N GLY B 65 5.88 -11.14 -0.29
CA GLY B 65 5.87 -9.70 -0.02
C GLY B 65 7.14 -9.16 0.62
N ALA B 66 8.28 -9.29 -0.08
CA ALA B 66 9.59 -8.91 0.48
C ALA B 66 9.74 -7.42 0.84
N TYR B 67 9.13 -6.54 0.05
CA TYR B 67 9.28 -5.09 0.19
C TYR B 67 10.76 -4.64 0.15
N CYS B 68 11.35 -4.25 1.28
CA CYS B 68 12.76 -3.82 1.27
C CYS B 68 13.75 -4.87 1.78
N GLY B 69 13.23 -6.02 2.20
CA GLY B 69 14.08 -7.12 2.60
C GLY B 69 14.19 -7.34 4.09
N TYR B 70 13.48 -6.57 4.90
CA TYR B 70 13.57 -6.72 6.36
C TYR B 70 13.29 -8.16 6.78
N SER B 71 12.15 -8.68 6.34
CA SER B 71 11.77 -10.02 6.76
C SER B 71 12.68 -11.08 6.15
N ALA B 72 13.13 -10.85 4.92
CA ALA B 72 14.03 -11.79 4.29
C ALA B 72 15.35 -11.89 5.08
N VAL B 73 15.89 -10.75 5.50
CA VAL B 73 17.09 -10.73 6.34
C VAL B 73 16.81 -11.43 7.68
N ARG B 74 15.68 -11.09 8.29
CA ARG B 74 15.25 -11.69 9.55
C ARG B 74 15.23 -13.23 9.50
N MET B 75 14.58 -13.80 8.50
CA MET B 75 14.46 -15.25 8.44
C MET B 75 15.75 -15.91 7.92
N ALA B 76 16.38 -15.33 6.90
CA ALA B 76 17.52 -15.98 6.27
C ALA B 76 18.72 -16.07 7.21
N ARG B 77 18.83 -15.12 8.15
CA ARG B 77 19.94 -15.11 9.09
C ARG B 77 19.88 -16.29 10.05
N LEU B 78 18.69 -16.89 10.19
CA LEU B 78 18.52 -18.03 11.11
C LEU B 78 18.49 -19.36 10.37
N LEU B 79 18.61 -19.34 9.05
CA LEU B 79 18.59 -20.59 8.29
C LEU B 79 19.93 -21.32 8.35
N GLN B 80 19.87 -22.64 8.50
CA GLN B 80 21.05 -23.49 8.51
C GLN B 80 21.68 -23.56 7.12
N PRO B 81 22.96 -23.94 7.05
CA PRO B 81 23.61 -24.20 5.75
C PRO B 81 22.79 -25.15 4.87
N GLY B 82 22.62 -24.78 3.61
CA GLY B 82 21.84 -25.59 2.70
C GLY B 82 20.35 -25.26 2.72
N ALA B 83 19.87 -24.63 3.78
CA ALA B 83 18.48 -24.18 3.81
C ALA B 83 18.32 -23.02 2.82
N ARG B 84 17.10 -22.84 2.31
CA ARG B 84 16.84 -21.83 1.28
C ARG B 84 15.64 -20.97 1.64
N LEU B 85 15.71 -19.69 1.30
CA LEU B 85 14.54 -18.82 1.32
C LEU B 85 14.19 -18.40 -0.12
N LEU B 86 12.94 -18.62 -0.53
CA LEU B 86 12.42 -18.06 -1.77
C LEU B 86 11.53 -16.88 -1.42
N THR B 87 11.79 -15.70 -1.96
CA THR B 87 10.94 -14.57 -1.61
C THR B 87 10.38 -13.92 -2.87
N MET B 88 9.08 -13.60 -2.82
CA MET B 88 8.35 -13.08 -3.96
C MET B 88 8.03 -11.61 -3.72
N GLU B 89 8.29 -10.80 -4.74
CA GLU B 89 8.09 -9.35 -4.62
C GLU B 89 7.51 -8.83 -5.93
N ILE B 90 6.35 -8.18 -5.88
CA ILE B 90 5.65 -7.82 -7.12
C ILE B 90 6.25 -6.57 -7.78
N ASN B 91 6.85 -5.70 -6.98
CA ASN B 91 7.40 -4.44 -7.49
C ASN B 91 8.89 -4.57 -7.81
N PRO B 92 9.27 -4.29 -9.06
CA PRO B 92 10.65 -4.47 -9.50
C PRO B 92 11.66 -3.61 -8.73
N ASP B 93 11.31 -2.36 -8.41
CA ASP B 93 12.23 -1.50 -7.69
C ASP B 93 12.47 -2.01 -6.28
N CYS B 94 11.39 -2.49 -5.65
CA CYS B 94 11.51 -3.10 -4.33
C CYS B 94 12.30 -4.41 -4.39
N ALA B 95 12.12 -5.19 -5.44
CA ALA B 95 12.88 -6.41 -5.59
C ALA B 95 14.39 -6.10 -5.66
N ALA B 96 14.73 -5.02 -6.36
CA ALA B 96 16.12 -4.59 -6.46
C ALA B 96 16.69 -4.14 -5.09
N ILE B 97 15.88 -3.39 -4.34
CA ILE B 97 16.27 -2.96 -2.98
C ILE B 97 16.53 -4.18 -2.09
N THR B 98 15.57 -5.10 -2.10
CA THR B 98 15.68 -6.34 -1.34
C THR B 98 16.98 -7.08 -1.67
N GLN B 99 17.32 -7.16 -2.95
CA GLN B 99 18.54 -7.85 -3.33
C GLN B 99 19.78 -7.17 -2.77
N GLN B 100 19.82 -5.85 -2.89
CA GLN B 100 20.95 -5.08 -2.34
C GLN B 100 21.01 -5.18 -0.81
N MET B 101 19.84 -5.22 -0.17
CA MET B 101 19.77 -5.34 1.29
C MET B 101 20.39 -6.66 1.74
N LEU B 102 19.97 -7.75 1.10
CA LEU B 102 20.49 -9.07 1.38
C LEU B 102 21.98 -9.17 1.07
N ASN B 103 22.42 -8.49 0.01
CA ASN B 103 23.83 -8.51 -0.36
C ASN B 103 24.65 -7.87 0.73
N PHE B 104 24.22 -6.70 1.17
CA PHE B 104 24.88 -6.01 2.27
C PHE B 104 24.94 -6.88 3.52
N ALA B 105 23.84 -7.57 3.81
CA ALA B 105 23.74 -8.39 5.01
C ALA B 105 24.62 -9.65 4.93
N GLY B 106 25.06 -9.99 3.72
CA GLY B 106 25.86 -11.19 3.49
C GLY B 106 25.02 -12.45 3.37
N LEU B 107 23.75 -12.27 3.02
CA LEU B 107 22.80 -13.40 3.00
C LEU B 107 22.35 -13.75 1.57
N GLN B 108 22.99 -13.14 0.57
CA GLN B 108 22.52 -13.26 -0.80
C GLN B 108 22.53 -14.71 -1.33
N ASP B 109 23.39 -15.56 -0.78
CA ASP B 109 23.48 -16.96 -1.22
C ASP B 109 22.39 -17.87 -0.67
N LYS B 110 21.67 -17.41 0.35
CA LYS B 110 20.62 -18.22 0.94
C LYS B 110 19.26 -17.88 0.36
N VAL B 111 19.21 -16.82 -0.43
CA VAL B 111 17.91 -16.28 -0.86
C VAL B 111 17.79 -16.19 -2.38
N THR B 112 16.64 -16.61 -2.89
CA THR B 112 16.28 -16.37 -4.27
C THR B 112 15.10 -15.42 -4.32
N ILE B 113 15.28 -14.29 -4.98
CA ILE B 113 14.21 -13.31 -5.14
C ILE B 113 13.48 -13.52 -6.44
N LEU B 114 12.16 -13.65 -6.37
CA LEU B 114 11.33 -13.80 -7.56
C LEU B 114 10.48 -12.55 -7.74
N ASN B 115 10.62 -11.88 -8.88
CA ASN B 115 9.88 -10.65 -9.11
C ASN B 115 8.61 -10.95 -9.92
N GLY B 116 7.47 -10.97 -9.26
CA GLY B 116 6.21 -11.23 -9.95
C GLY B 116 5.07 -11.31 -8.96
N ALA B 117 3.87 -11.60 -9.47
CA ALA B 117 2.70 -11.79 -8.63
C ALA B 117 2.69 -13.21 -8.06
N SER B 118 2.29 -13.32 -6.80
CA SER B 118 2.22 -14.62 -6.12
C SER B 118 1.42 -15.66 -6.90
N GLN B 119 0.27 -15.29 -7.43
CA GLN B 119 -0.56 -16.30 -8.10
C GLN B 119 0.07 -16.79 -9.42
N ASP B 120 0.95 -15.97 -10.01
CA ASP B 120 1.70 -16.38 -11.20
C ASP B 120 2.92 -17.24 -10.89
N LEU B 121 3.59 -16.94 -9.79
CA LEU B 121 4.85 -17.59 -9.45
C LEU B 121 4.68 -18.89 -8.67
N ILE B 122 3.69 -18.94 -7.79
CA ILE B 122 3.52 -20.11 -6.93
C ILE B 122 3.38 -21.41 -7.76
N PRO B 123 2.61 -21.40 -8.87
CA PRO B 123 2.51 -22.67 -9.62
C PRO B 123 3.79 -23.09 -10.35
N GLN B 124 4.81 -22.24 -10.38
CA GLN B 124 6.04 -22.54 -11.11
C GLN B 124 7.11 -23.10 -10.20
N LEU B 125 6.85 -23.08 -8.90
CA LEU B 125 7.85 -23.48 -7.92
C LEU B 125 8.36 -24.92 -8.12
N LYS B 126 7.45 -25.87 -8.29
CA LYS B 126 7.87 -27.26 -8.46
C LYS B 126 8.75 -27.46 -9.70
N LYS B 127 8.33 -26.89 -10.82
CA LYS B 127 9.04 -27.09 -12.07
C LYS B 127 10.33 -26.29 -12.15
N LYS B 128 10.25 -25.00 -11.82
CA LYS B 128 11.36 -24.10 -12.13
C LYS B 128 12.34 -23.94 -10.98
N TYR B 129 11.88 -24.12 -9.75
CA TYR B 129 12.76 -23.86 -8.62
C TYR B 129 12.97 -25.11 -7.80
N ASP B 130 12.69 -26.26 -8.43
CA ASP B 130 12.99 -27.57 -7.85
C ASP B 130 12.48 -27.68 -6.42
N VAL B 131 11.24 -27.26 -6.22
CA VAL B 131 10.60 -27.38 -4.93
C VAL B 131 9.78 -28.66 -4.90
N ASP B 132 9.87 -29.40 -3.80
CA ASP B 132 8.94 -30.48 -3.53
C ASP B 132 7.81 -29.93 -2.68
N THR B 133 8.04 -29.80 -1.38
CA THR B 133 7.07 -29.14 -0.51
C THR B 133 7.78 -28.06 0.32
N LEU B 134 7.01 -27.11 0.80
CA LEU B 134 7.56 -26.03 1.59
C LEU B 134 7.51 -26.38 3.06
N ASP B 135 8.50 -25.94 3.81
CA ASP B 135 8.51 -26.18 5.25
C ASP B 135 7.83 -25.04 6.00
N MET B 136 7.90 -23.84 5.42
CA MET B 136 7.30 -22.67 6.06
C MET B 136 6.90 -21.63 5.02
N VAL B 137 5.78 -20.93 5.27
CA VAL B 137 5.37 -19.82 4.41
C VAL B 137 5.14 -18.60 5.29
N PHE B 138 5.76 -17.49 4.95
CA PHE B 138 5.47 -16.22 5.59
C PHE B 138 4.62 -15.35 4.67
N LEU B 139 3.41 -15.00 5.09
CA LEU B 139 2.50 -14.21 4.26
C LEU B 139 2.51 -12.77 4.74
N ASP B 140 2.99 -11.85 3.91
CA ASP B 140 2.99 -10.44 4.27
C ASP B 140 2.82 -9.52 3.05
N HIS B 141 2.06 -10.01 2.06
CA HIS B 141 1.84 -9.25 0.83
C HIS B 141 0.43 -8.61 0.88
N TRP B 142 -0.28 -8.54 -0.24
CA TRP B 142 -1.61 -7.90 -0.20
C TRP B 142 -2.57 -8.77 0.60
N LYS B 143 -3.35 -8.13 1.47
CA LYS B 143 -4.10 -8.86 2.48
C LYS B 143 -5.24 -9.67 1.87
N ASP B 144 -5.80 -9.18 0.77
CA ASP B 144 -6.90 -9.89 0.12
C ASP B 144 -6.39 -11.13 -0.64
N ARG B 145 -5.08 -11.36 -0.60
CA ARG B 145 -4.48 -12.50 -1.28
C ARG B 145 -4.08 -13.63 -0.33
N TYR B 146 -4.13 -13.39 0.99
CA TYR B 146 -3.75 -14.45 1.93
C TYR B 146 -4.57 -15.74 1.72
N LEU B 147 -5.89 -15.60 1.67
CA LEU B 147 -6.74 -16.78 1.51
C LEU B 147 -6.58 -17.42 0.12
N PRO B 148 -6.72 -16.65 -0.98
CA PRO B 148 -6.58 -17.35 -2.27
C PRO B 148 -5.20 -17.97 -2.48
N ASP B 149 -4.13 -17.34 -2.00
CA ASP B 149 -2.81 -17.92 -2.21
C ASP B 149 -2.59 -19.14 -1.31
N THR B 150 -3.19 -19.14 -0.12
CA THR B 150 -3.12 -20.32 0.72
C THR B 150 -3.83 -21.52 0.04
N LEU B 151 -4.99 -21.26 -0.55
CA LEU B 151 -5.71 -22.33 -1.28
C LEU B 151 -4.91 -22.76 -2.51
N LEU B 152 -4.21 -21.81 -3.13
CA LEU B 152 -3.40 -22.12 -4.31
C LEU B 152 -2.20 -22.97 -3.92
N LEU B 153 -1.56 -22.62 -2.80
CA LEU B 153 -0.47 -23.43 -2.26
C LEU B 153 -0.91 -24.88 -2.02
N GLU B 154 -2.11 -25.04 -1.46
CA GLU B 154 -2.63 -26.38 -1.23
C GLU B 154 -2.90 -27.10 -2.55
N GLU B 155 -3.57 -26.43 -3.48
CA GLU B 155 -3.85 -26.99 -4.80
C GLU B 155 -2.60 -27.50 -5.48
N CYS B 156 -1.51 -26.75 -5.36
CA CYS B 156 -0.30 -27.06 -6.10
C CYS B 156 0.56 -28.15 -5.45
N GLY B 157 0.13 -28.65 -4.29
CA GLY B 157 0.87 -29.70 -3.60
C GLY B 157 2.13 -29.21 -2.91
N LEU B 158 2.15 -27.94 -2.52
CA LEU B 158 3.33 -27.34 -1.91
C LEU B 158 3.31 -27.39 -0.38
N LEU B 159 2.17 -27.76 0.20
CA LEU B 159 2.07 -27.92 1.65
C LEU B 159 2.18 -29.40 2.03
N ARG B 160 2.88 -29.70 3.12
CA ARG B 160 2.83 -31.05 3.67
C ARG B 160 2.44 -30.97 5.14
N LYS B 161 2.13 -32.12 5.74
CA LYS B 161 1.78 -32.14 7.14
C LYS B 161 2.95 -31.57 7.96
N GLY B 162 2.68 -30.51 8.72
CA GLY B 162 3.71 -29.90 9.52
C GLY B 162 4.27 -28.62 8.93
N THR B 163 3.83 -28.27 7.72
CA THR B 163 4.20 -26.98 7.13
C THR B 163 3.60 -25.83 7.92
N VAL B 164 4.43 -24.87 8.29
CA VAL B 164 3.97 -23.76 9.10
C VAL B 164 3.66 -22.55 8.23
N LEU B 165 2.42 -22.06 8.29
CA LEU B 165 2.09 -20.75 7.71
C LEU B 165 2.14 -19.71 8.81
N LEU B 166 2.80 -18.59 8.55
CA LEU B 166 2.84 -17.50 9.51
C LEU B 166 2.42 -16.23 8.77
N ALA B 167 1.32 -15.64 9.19
CA ALA B 167 0.72 -14.51 8.47
C ALA B 167 0.69 -13.24 9.30
N ASP B 168 1.21 -12.14 8.75
CA ASP B 168 1.23 -10.86 9.45
C ASP B 168 -0.05 -10.04 9.22
N ASN B 169 -0.32 -9.12 10.14
CA ASN B 169 -1.41 -8.15 9.99
C ASN B 169 -2.81 -8.77 9.89
N VAL B 170 -3.02 -9.90 10.57
CA VAL B 170 -4.31 -10.57 10.44
C VAL B 170 -5.40 -9.85 11.25
N ILE B 171 -5.00 -8.89 12.09
CA ILE B 171 -5.98 -8.12 12.87
C ILE B 171 -6.13 -6.69 12.32
N VAL B 172 -4.99 -6.05 12.06
CA VAL B 172 -4.93 -4.68 11.56
C VAL B 172 -4.08 -4.61 10.30
N PRO B 173 -4.68 -4.24 9.16
CA PRO B 173 -6.08 -3.89 8.93
C PRO B 173 -7.00 -5.12 8.98
N GLY B 174 -6.41 -6.31 9.04
CA GLY B 174 -7.17 -7.53 9.24
C GLY B 174 -7.35 -8.37 7.99
N THR B 175 -7.34 -9.69 8.18
CA THR B 175 -7.65 -10.65 7.13
C THR B 175 -8.70 -11.65 7.65
N PRO B 176 -9.94 -11.17 7.86
CA PRO B 176 -11.00 -11.99 8.47
C PRO B 176 -11.29 -13.29 7.69
N ASP B 177 -11.35 -13.20 6.36
CA ASP B 177 -11.64 -14.38 5.55
C ASP B 177 -10.57 -15.47 5.73
N PHE B 178 -9.31 -15.05 5.69
CA PHE B 178 -8.21 -15.97 5.95
C PHE B 178 -8.31 -16.65 7.32
N LEU B 179 -8.51 -15.85 8.37
CA LEU B 179 -8.58 -16.41 9.72
C LEU B 179 -9.75 -17.38 9.85
N ALA B 180 -10.91 -16.97 9.35
CA ALA B 180 -12.10 -17.81 9.39
C ALA B 180 -11.83 -19.16 8.72
N TYR B 181 -11.17 -19.13 7.56
CA TYR B 181 -10.87 -20.37 6.86
C TYR B 181 -9.90 -21.25 7.65
N VAL B 182 -8.73 -20.74 8.02
CA VAL B 182 -7.73 -21.62 8.63
C VAL B 182 -8.13 -22.08 10.05
N ARG B 183 -8.78 -21.21 10.81
CA ARG B 183 -9.20 -21.62 12.16
C ARG B 183 -10.35 -22.63 12.05
N GLY B 184 -11.22 -22.39 11.08
CA GLY B 184 -12.37 -23.25 10.89
C GLY B 184 -12.04 -24.60 10.27
N SER B 185 -11.00 -24.65 9.43
CA SER B 185 -10.68 -25.88 8.72
C SER B 185 -9.87 -26.84 9.58
N SER B 186 -10.14 -28.13 9.43
CA SER B 186 -9.41 -29.15 10.17
C SER B 186 -8.05 -29.40 9.53
N SER B 187 -7.81 -28.80 8.37
CA SER B 187 -6.51 -28.92 7.74
C SER B 187 -5.46 -28.00 8.38
N PHE B 188 -5.89 -27.07 9.22
CA PHE B 188 -4.94 -26.17 9.88
C PHE B 188 -5.12 -26.09 11.39
N GLU B 189 -4.00 -26.21 12.10
CA GLU B 189 -3.96 -26.06 13.54
C GLU B 189 -3.39 -24.68 13.88
N CYS B 190 -4.21 -23.82 14.50
CA CYS B 190 -3.90 -22.40 14.54
C CYS B 190 -3.56 -21.84 15.92
N THR B 191 -2.62 -20.90 15.95
CA THR B 191 -2.20 -20.21 17.17
C THR B 191 -2.05 -18.73 16.84
N HIS B 192 -2.45 -17.85 17.76
CA HIS B 192 -2.39 -16.43 17.50
C HIS B 192 -1.42 -15.71 18.42
N TYR B 193 -0.50 -14.96 17.82
CA TYR B 193 0.50 -14.18 18.56
C TYR B 193 0.25 -12.69 18.44
N SER B 194 -0.07 -12.04 19.57
CA SER B 194 -0.41 -10.63 19.56
C SER B 194 0.82 -9.71 19.67
N SER B 195 0.70 -8.51 19.13
CA SER B 195 1.77 -7.53 19.25
C SER B 195 1.20 -6.14 19.02
N TYR B 196 1.64 -5.17 19.82
CA TYR B 196 1.20 -3.81 19.62
C TYR B 196 1.94 -3.21 18.44
N LEU B 197 1.19 -2.54 17.57
CA LEU B 197 1.78 -1.75 16.49
C LEU B 197 2.53 -0.59 17.10
N GLU B 198 3.79 -0.44 16.71
CA GLU B 198 4.61 0.59 17.29
C GLU B 198 4.06 1.98 16.96
N TYR B 199 3.78 2.19 15.68
CA TYR B 199 3.33 3.49 15.20
CA TYR B 199 3.34 3.49 15.19
C TYR B 199 1.91 3.80 15.64
N MET B 200 1.01 2.82 15.55
CA MET B 200 -0.40 3.04 15.87
C MET B 200 -0.78 2.77 17.32
N LYS B 201 0.06 2.03 18.05
CA LYS B 201 -0.20 1.72 19.45
C LYS B 201 -1.55 1.01 19.63
N VAL B 202 -1.88 0.15 18.66
CA VAL B 202 -3.09 -0.65 18.69
C VAL B 202 -2.69 -2.12 18.56
N VAL B 203 -3.57 -3.03 18.96
CA VAL B 203 -3.23 -4.45 18.95
C VAL B 203 -3.38 -5.08 17.56
N ASP B 204 -2.29 -5.68 17.08
CA ASP B 204 -2.30 -6.46 15.86
C ASP B 204 -1.86 -7.88 16.24
N GLY B 205 -1.55 -8.71 15.24
CA GLY B 205 -1.09 -10.05 15.56
C GLY B 205 -0.69 -10.84 14.36
N LEU B 206 0.03 -11.93 14.59
CA LEU B 206 0.32 -12.90 13.54
C LEU B 206 -0.43 -14.18 13.80
N GLU B 207 -0.89 -14.82 12.73
CA GLU B 207 -1.48 -16.15 12.88
C GLU B 207 -0.46 -17.20 12.46
N LYS B 208 -0.26 -18.18 13.34
CA LYS B 208 0.53 -19.36 12.99
C LYS B 208 -0.45 -20.48 12.68
N ALA B 209 -0.33 -21.05 11.49
CA ALA B 209 -1.27 -22.09 11.04
C ALA B 209 -0.51 -23.27 10.48
N ILE B 210 -0.54 -24.39 11.22
CA ILE B 210 0.23 -25.57 10.83
C ILE B 210 -0.64 -26.53 10.03
N TYR B 211 -0.22 -26.82 8.80
CA TYR B 211 -1.01 -27.65 7.89
C TYR B 211 -1.07 -29.08 8.39
N GLN B 212 -2.27 -29.66 8.38
CA GLN B 212 -2.47 -31.01 8.92
C GLN B 212 -2.66 -32.05 7.83
N GLY B 213 -2.78 -31.59 6.59
CA GLY B 213 -3.10 -32.45 5.47
C GLY B 213 -4.48 -32.14 4.96
N PRO B 214 -4.85 -32.70 3.80
CA PRO B 214 -6.15 -32.41 3.18
C PRO B 214 -7.34 -33.00 3.94
N SER B 215 -8.51 -32.42 3.72
CA SER B 215 -9.75 -32.97 4.28
C SER B 215 -10.07 -34.34 3.67
N SER B 216 -10.49 -35.29 4.52
CA SER B 216 -10.83 -36.64 4.06
C SER B 216 -12.25 -36.71 3.47
N PRO B 217 -12.40 -37.40 2.33
CA PRO B 217 -13.73 -37.60 1.73
C PRO B 217 -14.67 -38.42 2.63
N ASP B 218 -15.98 -38.25 2.46
CA ASP B 218 -16.97 -38.98 3.26
C ASP B 218 -17.01 -40.46 2.93
N LYS B 219 -17.08 -41.29 3.97
CA LYS B 219 -17.09 -42.74 3.84
C LYS B 219 -18.51 -43.31 3.78
C3' NHE C . -3.20 -2.67 -6.50
C2' NHE C . -4.17 -3.56 -5.74
C1' NHE C . -3.77 -3.72 -4.29
C6' NHE C . -3.57 -2.39 -3.59
N NHE C . -4.82 -4.47 -3.59
C1 NHE C . -4.46 -4.52 -2.18
C2 NHE C . -5.63 -5.10 -1.41
S NHE C . -5.31 -5.17 0.34
O1 NHE C . -5.73 -3.90 1.02
O2 NHE C . -3.85 -5.31 0.70
O3 NHE C . -6.11 -6.34 0.85
C5' NHE C . -2.67 -1.42 -4.35
C4' NHE C . -3.01 -1.34 -5.82
C01 6P1 D . 2.93 7.19 -8.29
C04 6P1 D . 0.75 7.36 -8.95
C06 6P1 D . 4.42 7.41 -8.27
C07 6P1 D . -0.68 5.79 -7.33
N09 6P1 D . -1.76 5.51 -8.04
C11 6P1 D . -2.13 4.73 -6.04
C13 6P1 D . -2.91 4.05 -4.93
C15 6P1 D . -4.09 4.94 -4.56
C16 6P1 D . -1.41 2.64 -3.52
C17 6P1 D . -0.62 2.44 -2.39
C18 6P1 D . -0.48 3.46 -1.45
C19 6P1 D . -1.15 4.68 -1.63
C20 6P1 D . -1.94 4.86 -2.77
C22 6P1 D . 0.93 2.01 -0.21
S02 6P1 D . 2.08 6.20 -7.21
C03 6P1 D . 0.55 6.46 -7.88
N05 6P1 D . 2.06 7.73 -9.16
C08 6P1 D . -0.37 7.86 -9.84
N10 6P1 D . -2.59 4.90 -7.26
C12 6P1 D . -0.84 5.31 -6.00
C14 6P1 D . -2.06 3.85 -3.71
O21 6P1 D . 0.31 3.29 -0.29
NA NA E . -5.89 8.38 1.67
NA NA F . 3.87 28.44 3.69
C3' NHE G . 6.30 0.26 -4.47
C2' NHE G . 6.86 1.45 -3.73
C1' NHE G . 5.81 2.12 -2.87
C6' NHE G . 5.21 1.14 -1.87
N NHE G . 6.41 3.25 -2.15
C1 NHE G . 5.41 3.97 -1.37
C2 NHE G . 6.07 4.41 -0.07
S NHE G . 4.99 5.38 0.98
O1 NHE G . 4.84 4.69 2.30
O2 NHE G . 5.60 6.75 1.10
O3 NHE G . 3.57 5.45 0.51
C5' NHE G . 4.62 -0.07 -2.57
C4' NHE G . 5.58 -0.71 -3.56
C01 6P1 H . 0.84 -10.17 -5.05
C01 6P1 H . 0.85 -10.29 -5.06
C04 6P1 H . 3.04 -10.31 -4.40
C04 6P1 H . 3.05 -10.39 -4.41
C06 6P1 H . -0.46 -10.58 -5.71
C06 6P1 H . -0.44 -10.71 -5.70
C07 6P1 H . 3.61 -8.12 -3.04
C07 6P1 H . 3.58 -8.14 -3.07
N09 6P1 H . 4.90 -7.93 -3.24
N09 6P1 H . 4.90 -8.10 -2.99
C11 6P1 H . 4.35 -6.55 -1.64
C11 6P1 H . 4.17 -6.39 -1.84
C13 6P1 H . 4.51 -5.51 -0.56
C13 6P1 H . 4.14 -5.16 -0.98
C15 6P1 H . 5.14 -6.17 0.64
C15 6P1 H . 5.58 -4.71 -0.77
C16 6P1 H . 2.70 -3.85 -0.90
C16 6P1 H . 3.29 -3.88 -3.02
C17 6P1 H . 1.47 -3.29 -0.57
C17 6P1 H . 2.51 -2.88 -3.58
C18 6P1 H . 0.71 -3.83 0.47
C18 6P1 H . 1.75 -2.06 -2.75
C19 6P1 H . 1.19 -4.93 1.17
C19 6P1 H . 1.77 -2.25 -1.38
C20 6P1 H . 2.42 -5.48 0.84
C20 6P1 H . 2.55 -3.26 -0.83
C22 6P1 H . -0.73 -1.95 0.32
C22 6P1 H . 1.10 -0.73 -4.63
S02 6P1 H . 1.12 -8.74 -4.19
S02 6P1 H . 1.12 -8.85 -4.21
C03 6P1 H . 2.74 -9.06 -3.81
C03 6P1 H . 2.74 -9.12 -3.84
N05 6P1 H . 1.97 -10.89 -5.06
N05 6P1 H . 2.00 -10.98 -5.06
C08 6P1 H . 4.39 -10.98 -4.32
C08 6P1 H . 4.42 -11.03 -4.32
N10 6P1 H . 5.32 -7.03 -2.41
N10 6P1 H . 5.23 -7.07 -2.26
C12 6P1 H . 3.17 -7.25 -2.01
C12 6P1 H . 3.03 -7.06 -2.35
C14 6P1 H . 3.16 -4.94 -0.20
C14 6P1 H . 3.32 -4.08 -1.64
O21 6P1 H . -0.54 -3.27 0.79
O21 6P1 H . 0.94 -1.02 -3.26
NA NA I . -8.31 -24.96 12.05
NA NA J . 3.15 -6.50 7.49
#